data_5D3F
#
_entry.id   5D3F
#
_cell.length_a   69.607
_cell.length_b   110.166
_cell.length_c   132.604
_cell.angle_alpha   90.00
_cell.angle_beta   90.00
_cell.angle_gamma   90.00
#
_symmetry.space_group_name_H-M   'C 2 2 21'
#
loop_
_entity.id
_entity.type
_entity.pdbx_description
1 polymer '14-3-3 protein zeta/delta'
2 polymer 'Cystic fibrosis transmembrane conductance regulator'
3 non-polymer FUSICOCCIN
#
loop_
_entity_poly.entity_id
_entity_poly.type
_entity_poly.pdbx_seq_one_letter_code
_entity_poly.pdbx_strand_id
1 'polypeptide(L)'
;MDKNELVQKAKLAEQAERYDDMAACMKSVTEQGAELSNEERNLLSVAYKNVVGARRSSWRVVSSIEQKTEGAEKKQQMAR
EYREKIETELRDICNDVLSLLEKFLIPNASQAESKVFYLKMKGDYYRYLAEVAAGDDKKGIVDQSQQAYQEAFEISKKEM
QPTHPIRLGLALNFSVFYYEILNSPEKACSLAKTAFDEAIAELDTLSEESYKDSTLIMQLLRDNLTLWTS
;
A,B
2 'polypeptide(L)' AILPRI(SEP)VISTGPTLQARRRQ(SEP)VLNLMT C
#
loop_
_chem_comp.id
_chem_comp.type
_chem_comp.name
_chem_comp.formula
FSC non-polymer FUSICOCCIN 'C36 H56 O12'
#
# COMPACT_ATOMS: atom_id res chain seq x y z
N ASP A 2 23.57 -17.15 20.69
CA ASP A 2 22.97 -16.17 21.58
C ASP A 2 21.84 -15.42 20.87
N LYS A 3 21.63 -14.18 21.30
CA LYS A 3 20.49 -13.38 20.86
C LYS A 3 20.59 -12.64 19.52
N ASN A 4 21.77 -12.15 19.15
CA ASN A 4 21.87 -11.40 17.90
C ASN A 4 21.58 -12.25 16.67
N GLU A 5 21.67 -13.56 16.86
CA GLU A 5 21.46 -14.51 15.78
C GLU A 5 19.99 -14.62 15.43
N LEU A 6 19.15 -14.65 16.46
CA LEU A 6 17.71 -14.75 16.33
C LEU A 6 17.09 -13.57 15.58
N VAL A 7 17.51 -12.36 15.95
CA VAL A 7 17.02 -11.14 15.31
C VAL A 7 17.36 -11.14 13.82
N GLN A 8 18.55 -11.66 13.49
CA GLN A 8 18.96 -11.83 12.10
C GLN A 8 18.15 -12.95 11.45
N LYS A 9 17.91 -14.00 12.22
CA LYS A 9 17.14 -15.16 11.75
C LYS A 9 15.62 -14.87 11.55
N ALA A 10 15.06 -14.03 12.41
CA ALA A 10 13.67 -13.59 12.31
C ALA A 10 13.43 -12.68 11.12
N LYS A 11 14.40 -11.81 10.84
CA LYS A 11 14.32 -10.91 9.69
C LYS A 11 14.31 -11.72 8.41
N LEU A 12 14.98 -12.86 8.45
CA LEU A 12 14.97 -13.77 7.32
C LEU A 12 13.60 -14.39 7.14
N ALA A 13 12.98 -14.76 8.25
CA ALA A 13 11.63 -15.33 8.24
C ALA A 13 10.68 -14.32 7.66
N GLU A 14 10.85 -13.05 8.05
CA GLU A 14 10.04 -11.97 7.52
C GLU A 14 10.16 -11.76 6.01
N GLN A 15 11.36 -11.87 5.44
CA GLN A 15 11.45 -11.69 3.99
C GLN A 15 10.90 -12.96 3.32
N ALA A 16 11.00 -14.05 4.07
CA ALA A 16 10.53 -15.34 3.62
C ALA A 16 9.03 -15.53 3.85
N GLU A 17 8.40 -14.54 4.47
CA GLU A 17 6.95 -14.55 4.75
C GLU A 17 6.51 -15.81 5.51
N ARG A 18 7.36 -16.21 6.42
CA ARG A 18 7.15 -17.31 7.32
C ARG A 18 6.99 -16.74 8.73
N TYR A 19 5.80 -16.19 8.98
CA TYR A 19 5.60 -15.33 10.14
C TYR A 19 5.57 -16.11 11.43
N ASP A 20 5.27 -17.40 11.38
CA ASP A 20 5.24 -18.20 12.62
C ASP A 20 6.65 -18.42 13.16
N ASP A 21 7.59 -18.62 12.24
CA ASP A 21 8.99 -18.76 12.60
C ASP A 21 9.53 -17.46 13.15
N MET A 22 9.07 -16.36 12.57
CA MET A 22 9.47 -15.04 13.01
C MET A 22 8.99 -14.75 14.43
N ALA A 23 7.74 -15.10 14.70
CA ALA A 23 7.18 -14.93 16.03
C ALA A 23 7.92 -15.82 17.02
N ALA A 24 8.22 -17.04 16.59
CA ALA A 24 8.94 -17.99 17.42
C ALA A 24 10.30 -17.44 17.86
N CYS A 25 11.08 -16.94 16.90
CA CYS A 25 12.37 -16.29 17.18
C CYS A 25 12.24 -15.06 18.05
N MET A 26 11.29 -14.19 17.74
CA MET A 26 11.17 -12.96 18.49
C MET A 26 10.63 -13.25 19.88
N LYS A 27 9.97 -14.41 20.02
CA LYS A 27 9.53 -14.89 21.32
C LYS A 27 10.78 -15.18 22.18
N SER A 28 11.77 -15.85 21.60
CA SER A 28 13.01 -16.17 22.30
C SER A 28 13.84 -14.95 22.69
N VAL A 29 13.88 -13.92 21.84
CA VAL A 29 14.64 -12.69 22.12
C VAL A 29 14.03 -11.95 23.32
N THR A 30 12.70 -12.06 23.43
CA THR A 30 11.93 -11.49 24.52
C THR A 30 12.02 -12.29 25.84
N GLU A 31 11.95 -13.62 25.75
CA GLU A 31 11.90 -14.48 26.93
C GLU A 31 13.20 -14.41 27.71
N GLN A 32 14.17 -13.71 27.13
CA GLN A 32 15.46 -13.37 27.74
C GLN A 32 15.34 -12.59 29.02
N GLY A 33 14.28 -11.79 29.09
CA GLY A 33 14.02 -10.94 30.24
C GLY A 33 14.50 -9.52 29.99
N ALA A 34 15.36 -9.33 29.00
CA ALA A 34 15.92 -8.01 28.68
C ALA A 34 14.95 -7.14 27.91
N GLU A 35 14.90 -5.85 28.23
CA GLU A 35 14.01 -4.92 27.59
C GLU A 35 14.38 -4.81 26.15
N LEU A 36 13.40 -4.69 25.28
CA LEU A 36 13.63 -4.75 23.84
C LEU A 36 14.14 -3.49 23.17
N SER A 37 14.97 -3.71 22.17
CA SER A 37 15.44 -2.66 21.31
C SER A 37 14.33 -2.22 20.41
N ASN A 38 14.32 -0.96 20.01
CA ASN A 38 13.28 -0.54 19.06
C ASN A 38 13.20 -1.45 17.86
N GLU A 39 14.36 -1.84 17.36
CA GLU A 39 14.40 -2.75 16.24
C GLU A 39 13.77 -4.07 16.65
N GLU A 40 14.17 -4.58 17.81
CA GLU A 40 13.64 -5.85 18.29
C GLU A 40 12.13 -5.85 18.52
N ARG A 41 11.64 -4.76 19.07
CA ARG A 41 10.23 -4.59 19.37
C ARG A 41 9.37 -4.60 18.12
N ASN A 42 9.76 -3.79 17.13
CA ASN A 42 9.05 -3.68 15.87
C ASN A 42 8.85 -5.05 15.26
N LEU A 43 9.95 -5.80 15.21
CA LEU A 43 10.01 -7.18 14.74
C LEU A 43 9.14 -8.16 15.50
N LEU A 44 8.99 -7.95 16.81
CA LEU A 44 8.05 -8.75 17.60
C LEU A 44 6.64 -8.38 17.21
N SER A 45 6.40 -7.09 17.13
CA SER A 45 5.07 -6.61 16.81
C SER A 45 4.63 -7.04 15.40
N VAL A 46 5.47 -6.84 14.40
CA VAL A 46 5.10 -7.24 13.04
C VAL A 46 4.89 -8.75 12.92
N ALA A 47 5.76 -9.53 13.55
CA ALA A 47 5.66 -10.99 13.52
C ALA A 47 4.27 -11.42 13.97
N TYR A 48 3.89 -11.01 15.18
CA TYR A 48 2.64 -11.42 15.77
C TYR A 48 1.44 -10.72 15.16
N LYS A 49 1.67 -9.57 14.51
CA LYS A 49 0.57 -8.95 13.81
C LYS A 49 0.07 -9.84 12.69
N ASN A 50 1.01 -10.44 11.94
CA ASN A 50 0.70 -11.31 10.78
C ASN A 50 0.24 -12.73 11.16
N VAL A 51 0.73 -13.22 12.29
CA VAL A 51 0.31 -14.52 12.77
C VAL A 51 -1.12 -14.44 13.23
N VAL A 52 -1.44 -13.43 14.02
CA VAL A 52 -2.81 -13.26 14.46
C VAL A 52 -3.70 -12.71 13.34
N GLY A 53 -3.12 -11.90 12.47
CA GLY A 53 -3.90 -11.24 11.42
C GLY A 53 -4.41 -12.25 10.42
N ALA A 54 -3.63 -13.32 10.25
CA ALA A 54 -3.96 -14.35 9.29
C ALA A 54 -5.22 -15.04 9.73
N ARG A 55 -5.38 -15.17 11.05
CA ARG A 55 -6.54 -15.87 11.62
C ARG A 55 -7.80 -15.00 11.63
N ARG A 56 -7.62 -13.71 11.90
CA ARG A 56 -8.68 -12.73 11.89
C ARG A 56 -9.32 -12.67 10.53
N SER A 57 -8.50 -12.65 9.49
CA SER A 57 -9.02 -12.66 8.12
C SER A 57 -9.78 -13.92 7.83
N SER A 58 -9.18 -15.06 8.14
CA SER A 58 -9.86 -16.32 7.92
C SER A 58 -11.20 -16.28 8.64
N TRP A 59 -11.16 -15.87 9.90
CA TRP A 59 -12.32 -15.81 10.75
C TRP A 59 -13.40 -14.92 10.17
N ARG A 60 -13.07 -13.68 9.80
CA ARG A 60 -14.09 -12.79 9.26
C ARG A 60 -14.71 -13.44 8.03
N VAL A 61 -13.88 -14.13 7.25
CA VAL A 61 -14.37 -14.75 6.03
C VAL A 61 -15.32 -15.90 6.32
N VAL A 62 -14.94 -16.79 7.24
CA VAL A 62 -15.80 -17.92 7.60
C VAL A 62 -17.09 -17.41 8.24
N SER A 63 -16.95 -16.54 9.23
CA SER A 63 -18.12 -16.06 9.96
C SER A 63 -19.12 -15.33 9.06
N SER A 64 -18.64 -14.67 8.01
CA SER A 64 -19.57 -14.03 7.08
C SER A 64 -20.32 -15.09 6.30
N ILE A 65 -19.67 -16.21 6.01
CA ILE A 65 -20.32 -17.29 5.29
C ILE A 65 -21.16 -18.15 6.22
N GLU A 66 -20.89 -18.11 7.52
CA GLU A 66 -21.70 -18.83 8.48
C GLU A 66 -23.06 -18.19 8.60
N GLN A 67 -23.10 -16.88 8.35
CA GLN A 67 -24.36 -16.16 8.31
C GLN A 67 -25.21 -16.57 7.11
N LYS A 68 -24.64 -16.50 5.92
CA LYS A 68 -25.37 -16.87 4.71
C LYS A 68 -25.65 -18.39 4.68
N GLN A 76 -24.90 -26.28 7.99
CA GLN A 76 -24.44 -24.98 8.47
C GLN A 76 -23.57 -25.13 9.72
N GLN A 77 -23.67 -26.29 10.36
CA GLN A 77 -22.87 -26.62 11.53
C GLN A 77 -21.39 -26.73 11.12
N MET A 78 -21.14 -27.12 9.87
CA MET A 78 -19.78 -27.22 9.36
C MET A 78 -19.12 -25.84 9.39
N ALA A 79 -19.84 -24.82 8.93
CA ALA A 79 -19.29 -23.47 8.94
C ALA A 79 -18.95 -23.01 10.36
N ARG A 80 -19.81 -23.35 11.31
CA ARG A 80 -19.60 -22.97 12.70
C ARG A 80 -18.35 -23.60 13.32
N GLU A 81 -18.18 -24.91 13.09
CA GLU A 81 -17.05 -25.67 13.65
C GLU A 81 -15.73 -25.13 13.11
N TYR A 82 -15.73 -24.77 11.84
CA TYR A 82 -14.54 -24.21 11.24
C TYR A 82 -14.27 -22.85 11.87
N ARG A 83 -15.31 -22.09 12.16
CA ARG A 83 -15.12 -20.80 12.80
C ARG A 83 -14.48 -21.01 14.17
N GLU A 84 -14.96 -22.02 14.90
CA GLU A 84 -14.47 -22.28 16.24
C GLU A 84 -13.05 -22.86 16.22
N LYS A 85 -12.73 -23.61 15.17
CA LYS A 85 -11.36 -24.12 15.00
C LYS A 85 -10.40 -22.95 14.87
N ILE A 86 -10.82 -21.95 14.10
CA ILE A 86 -10.05 -20.72 13.90
C ILE A 86 -9.85 -19.97 15.19
N GLU A 87 -10.95 -19.81 15.94
CA GLU A 87 -10.97 -19.06 17.18
C GLU A 87 -10.05 -19.60 18.27
N THR A 88 -9.80 -20.90 18.23
CA THR A 88 -8.99 -21.50 19.26
C THR A 88 -7.55 -21.13 19.01
N GLU A 89 -7.15 -21.17 17.74
CA GLU A 89 -5.83 -20.69 17.31
C GLU A 89 -5.67 -19.22 17.65
N LEU A 90 -6.71 -18.44 17.40
CA LEU A 90 -6.69 -17.00 17.63
C LEU A 90 -6.41 -16.71 19.09
N ARG A 91 -7.12 -17.44 19.95
CA ARG A 91 -7.04 -17.26 21.40
C ARG A 91 -5.66 -17.62 21.91
N ASP A 92 -5.10 -18.72 21.39
CA ASP A 92 -3.74 -19.12 21.74
C ASP A 92 -2.75 -17.99 21.47
N ILE A 93 -2.75 -17.52 20.22
CA ILE A 93 -1.86 -16.45 19.76
C ILE A 93 -1.91 -15.23 20.65
N CYS A 94 -3.14 -14.81 20.95
CA CYS A 94 -3.42 -13.67 21.82
C CYS A 94 -2.91 -13.85 23.26
N ASN A 95 -3.19 -14.98 23.87
CA ASN A 95 -2.74 -15.22 25.23
C ASN A 95 -1.22 -15.29 25.30
N ASP A 96 -0.66 -15.92 24.27
CA ASP A 96 0.77 -16.06 24.14
C ASP A 96 1.39 -14.66 24.19
N VAL A 97 0.77 -13.72 23.47
CA VAL A 97 1.28 -12.35 23.44
C VAL A 97 1.06 -11.67 24.77
N LEU A 98 -0.14 -11.81 25.30
CA LEU A 98 -0.49 -11.18 26.55
C LEU A 98 0.36 -11.65 27.72
N SER A 99 0.71 -12.93 27.74
CA SER A 99 1.62 -13.43 28.76
C SER A 99 2.99 -12.77 28.60
N LEU A 100 3.55 -12.81 27.38
CA LEU A 100 4.84 -12.15 27.09
C LEU A 100 4.84 -10.70 27.50
N LEU A 101 3.68 -10.07 27.32
CA LEU A 101 3.48 -8.69 27.71
C LEU A 101 3.58 -8.53 29.22
N GLU A 102 2.81 -9.33 29.95
CA GLU A 102 2.75 -9.23 31.41
C GLU A 102 4.00 -9.78 32.07
N LYS A 103 4.62 -10.77 31.44
CA LYS A 103 5.79 -11.38 32.02
C LYS A 103 7.05 -10.61 31.65
N PHE A 104 7.18 -10.20 30.40
CA PHE A 104 8.45 -9.62 29.97
C PHE A 104 8.44 -8.15 29.51
N LEU A 105 7.52 -7.77 28.63
CA LEU A 105 7.61 -6.45 28.00
C LEU A 105 7.22 -5.28 28.92
N ILE A 106 6.04 -5.33 29.51
CA ILE A 106 5.53 -4.24 30.35
C ILE A 106 6.30 -3.99 31.68
N PRO A 107 6.68 -5.05 32.42
CA PRO A 107 7.49 -4.78 33.60
C PRO A 107 8.83 -4.10 33.27
N ASN A 108 9.44 -4.48 32.15
CA ASN A 108 10.74 -3.94 31.74
C ASN A 108 10.63 -2.56 31.11
N ALA A 109 9.45 -2.21 30.62
CA ALA A 109 9.26 -0.94 29.95
C ALA A 109 9.58 0.20 30.91
N SER A 110 10.49 1.07 30.49
CA SER A 110 11.01 2.13 31.33
C SER A 110 10.41 3.48 30.98
N GLN A 111 10.70 3.90 29.75
CA GLN A 111 10.26 5.17 29.23
C GLN A 111 8.75 5.14 28.97
N ALA A 112 8.13 6.31 28.96
CA ALA A 112 6.71 6.43 28.66
C ALA A 112 6.36 5.89 27.28
N GLU A 113 7.24 6.15 26.30
CA GLU A 113 7.01 5.67 24.94
C GLU A 113 6.86 4.15 24.92
N SER A 114 7.72 3.48 25.68
CA SER A 114 7.69 2.02 25.76
C SER A 114 6.49 1.50 26.54
N LYS A 115 6.16 2.15 27.65
CA LYS A 115 5.07 1.67 28.49
C LYS A 115 3.71 1.90 27.84
N VAL A 116 3.55 2.98 27.10
CA VAL A 116 2.32 3.20 26.33
C VAL A 116 2.16 2.19 25.22
N PHE A 117 3.22 2.00 24.43
CA PHE A 117 3.25 1.08 23.30
C PHE A 117 2.88 -0.33 23.70
N TYR A 118 3.45 -0.83 24.78
CA TYR A 118 3.15 -2.18 25.23
C TYR A 118 1.72 -2.25 25.82
N LEU A 119 1.24 -1.16 26.39
CA LEU A 119 -0.13 -1.12 26.87
C LEU A 119 -1.11 -1.03 25.71
N LYS A 120 -0.73 -0.36 24.65
CA LYS A 120 -1.61 -0.27 23.48
C LYS A 120 -1.65 -1.64 22.81
N MET A 121 -0.54 -2.35 22.86
CA MET A 121 -0.51 -3.75 22.38
C MET A 121 -1.49 -4.60 23.17
N LYS A 122 -1.40 -4.44 24.49
CA LYS A 122 -2.24 -5.18 25.40
C LYS A 122 -3.69 -4.92 25.04
N GLY A 123 -4.04 -3.65 24.83
CA GLY A 123 -5.40 -3.32 24.43
C GLY A 123 -5.78 -3.97 23.11
N ASP A 124 -4.84 -3.86 22.17
CA ASP A 124 -4.98 -4.37 20.81
C ASP A 124 -5.19 -5.86 20.80
N TYR A 125 -4.40 -6.59 21.58
CA TYR A 125 -4.55 -8.04 21.55
C TYR A 125 -5.77 -8.52 22.37
N TYR A 126 -6.17 -7.74 23.36
CA TYR A 126 -7.44 -7.98 24.03
C TYR A 126 -8.58 -7.61 23.11
N ARG A 127 -8.35 -6.61 22.25
CA ARG A 127 -9.39 -6.23 21.30
C ARG A 127 -9.61 -7.34 20.29
N TYR A 128 -8.53 -8.01 19.89
CA TYR A 128 -8.63 -9.09 18.91
C TYR A 128 -9.40 -10.28 19.50
N LEU A 129 -9.30 -10.48 20.81
CA LEU A 129 -10.08 -11.50 21.51
C LEU A 129 -11.55 -11.14 21.58
N ALA A 130 -11.81 -9.84 21.77
CA ALA A 130 -13.17 -9.33 21.83
C ALA A 130 -13.86 -9.50 20.48
N GLU A 131 -13.08 -9.67 19.42
CA GLU A 131 -13.65 -9.84 18.09
C GLU A 131 -14.27 -11.21 17.94
N VAL A 132 -13.82 -12.13 18.78
CA VAL A 132 -14.26 -13.51 18.72
C VAL A 132 -14.81 -13.97 20.07
N ALA A 133 -14.83 -13.08 21.07
CA ALA A 133 -15.38 -13.45 22.37
C ALA A 133 -16.88 -13.67 22.25
N ALA A 134 -17.30 -14.88 22.59
CA ALA A 134 -18.72 -15.21 22.62
C ALA A 134 -19.17 -15.49 24.04
N GLY A 135 -20.48 -15.41 24.24
CA GLY A 135 -21.10 -15.68 25.53
C GLY A 135 -20.59 -14.92 26.74
N ASP A 136 -20.42 -15.68 27.81
CA ASP A 136 -20.10 -15.16 29.13
C ASP A 136 -18.76 -14.46 29.18
N ASP A 137 -17.82 -15.12 28.53
CA ASP A 137 -16.41 -14.73 28.46
C ASP A 137 -16.17 -13.33 27.88
N LYS A 138 -17.11 -12.81 27.11
CA LYS A 138 -16.92 -11.51 26.48
C LYS A 138 -16.77 -10.31 27.43
N LYS A 139 -17.61 -10.21 28.46
CA LYS A 139 -17.60 -9.03 29.32
C LYS A 139 -16.23 -8.83 29.98
N GLY A 140 -15.69 -9.91 30.51
CA GLY A 140 -14.42 -9.87 31.19
C GLY A 140 -13.31 -9.46 30.27
N ILE A 141 -13.36 -10.00 29.05
CA ILE A 141 -12.39 -9.70 28.00
C ILE A 141 -12.42 -8.25 27.52
N VAL A 142 -13.60 -7.69 27.31
CA VAL A 142 -13.71 -6.30 26.91
C VAL A 142 -13.07 -5.37 27.95
N ASP A 143 -13.27 -5.69 29.23
CA ASP A 143 -12.79 -4.81 30.30
C ASP A 143 -11.26 -4.68 30.31
N GLN A 144 -10.55 -5.80 30.33
CA GLN A 144 -9.09 -5.73 30.35
C GLN A 144 -8.54 -4.99 29.12
N SER A 145 -9.27 -5.02 28.01
CA SER A 145 -8.91 -4.21 26.86
C SER A 145 -9.03 -2.72 27.16
N GLN A 146 -10.21 -2.26 27.57
CA GLN A 146 -10.37 -0.83 27.75
C GLN A 146 -9.48 -0.29 28.87
N GLN A 147 -9.27 -1.10 29.91
CA GLN A 147 -8.39 -0.70 31.00
C GLN A 147 -6.97 -0.56 30.47
N ALA A 148 -6.59 -1.49 29.60
CA ALA A 148 -5.25 -1.47 28.99
C ALA A 148 -5.03 -0.20 28.16
N TYR A 149 -5.94 0.04 27.22
CA TYR A 149 -5.96 1.26 26.44
C TYR A 149 -5.97 2.51 27.29
N GLN A 150 -6.95 2.60 28.19
CA GLN A 150 -7.16 3.77 29.04
C GLN A 150 -5.88 4.17 29.78
N GLU A 151 -5.25 3.22 30.43
CA GLU A 151 -4.00 3.47 31.15
C GLU A 151 -2.93 4.07 30.22
N ALA A 152 -2.73 3.45 29.05
CA ALA A 152 -1.84 3.98 28.02
C ALA A 152 -2.24 5.37 27.54
N PHE A 153 -3.55 5.56 27.36
CA PHE A 153 -4.08 6.83 26.88
C PHE A 153 -3.81 7.96 27.84
N GLU A 154 -3.81 7.65 29.13
CA GLU A 154 -3.56 8.64 30.18
C GLU A 154 -2.08 9.01 30.27
N ILE A 155 -1.20 8.02 30.28
CA ILE A 155 0.24 8.25 30.30
C ILE A 155 0.61 9.11 29.10
N SER A 156 0.00 8.79 27.97
CA SER A 156 0.26 9.47 26.71
C SER A 156 -0.07 10.95 26.77
N LYS A 157 -1.21 11.26 27.41
CA LYS A 157 -1.67 12.64 27.57
C LYS A 157 -0.70 13.44 28.41
N LYS A 158 -0.03 12.74 29.32
CA LYS A 158 0.97 13.33 30.21
C LYS A 158 2.29 13.62 29.49
N GLU A 159 2.73 12.68 28.65
CA GLU A 159 4.10 12.69 28.15
C GLU A 159 4.30 13.01 26.67
N MET A 160 3.23 13.16 25.91
CA MET A 160 3.40 13.28 24.45
C MET A 160 2.62 14.37 23.72
N GLN A 161 3.32 14.93 22.74
CA GLN A 161 2.79 15.94 21.84
C GLN A 161 1.65 15.38 21.01
N PRO A 162 0.63 16.23 20.74
CA PRO A 162 -0.55 15.86 19.96
C PRO A 162 -0.22 15.21 18.62
N THR A 163 0.97 15.45 18.08
CA THR A 163 1.34 14.86 16.79
C THR A 163 2.28 13.65 16.92
N HIS A 164 2.55 13.20 18.14
CA HIS A 164 3.40 12.03 18.33
C HIS A 164 2.73 10.80 17.74
N PRO A 165 3.41 10.14 16.80
CA PRO A 165 2.88 8.97 16.10
C PRO A 165 2.36 7.88 17.04
N ILE A 166 2.98 7.62 18.18
CA ILE A 166 2.47 6.55 19.06
C ILE A 166 1.13 6.95 19.67
N ARG A 167 1.06 8.19 20.15
CA ARG A 167 -0.18 8.72 20.73
C ARG A 167 -1.28 8.75 19.69
N LEU A 168 -0.94 9.24 18.51
CA LEU A 168 -1.85 9.29 17.37
C LEU A 168 -2.30 7.89 17.05
N GLY A 169 -1.37 6.95 17.16
CA GLY A 169 -1.66 5.55 16.93
C GLY A 169 -2.58 4.95 17.96
N LEU A 170 -2.37 5.29 19.22
CA LEU A 170 -3.24 4.80 20.28
C LEU A 170 -4.66 5.33 20.10
N ALA A 171 -4.77 6.60 19.73
CA ALA A 171 -6.06 7.21 19.52
C ALA A 171 -6.83 6.50 18.42
N LEU A 172 -6.15 6.23 17.31
CA LEU A 172 -6.80 5.58 16.17
C LEU A 172 -7.36 4.23 16.56
N ASN A 173 -6.52 3.41 17.19
CA ASN A 173 -6.91 2.06 17.57
C ASN A 173 -7.99 2.05 18.66
N PHE A 174 -7.86 2.97 19.59
CA PHE A 174 -8.73 2.97 20.74
C PHE A 174 -10.09 3.54 20.33
N SER A 175 -10.10 4.39 19.30
CA SER A 175 -11.35 4.82 18.70
C SER A 175 -12.11 3.63 18.09
N VAL A 176 -11.40 2.79 17.34
CA VAL A 176 -11.99 1.62 16.69
C VAL A 176 -12.67 0.73 17.73
N PHE A 177 -12.00 0.61 18.86
CA PHE A 177 -12.49 -0.16 19.99
C PHE A 177 -13.86 0.32 20.33
N TYR A 178 -14.03 1.63 20.49
CA TYR A 178 -15.37 2.16 20.75
C TYR A 178 -16.36 1.87 19.62
N TYR A 179 -15.98 2.19 18.38
CA TYR A 179 -16.92 2.05 17.27
C TYR A 179 -17.40 0.60 17.10
N GLU A 180 -16.44 -0.32 17.19
CA GLU A 180 -16.63 -1.71 16.80
C GLU A 180 -16.97 -2.66 17.94
N ILE A 181 -16.22 -2.54 19.04
CA ILE A 181 -16.38 -3.48 20.14
C ILE A 181 -17.43 -3.01 21.14
N LEU A 182 -17.42 -1.73 21.49
CA LEU A 182 -18.41 -1.16 22.42
C LEU A 182 -19.66 -0.66 21.70
N ASN A 183 -19.56 -0.59 20.38
CA ASN A 183 -20.60 -0.08 19.51
C ASN A 183 -21.07 1.32 19.96
N SER A 184 -20.10 2.20 20.21
CA SER A 184 -20.33 3.59 20.60
C SER A 184 -19.83 4.54 19.51
N PRO A 185 -20.61 4.81 18.51
CA PRO A 185 -20.07 5.61 17.44
C PRO A 185 -19.60 6.94 18.00
N GLU A 186 -20.36 7.51 18.92
CA GLU A 186 -20.07 8.82 19.45
C GLU A 186 -18.76 8.97 20.21
N LYS A 187 -18.47 8.04 21.09
CA LYS A 187 -17.22 8.08 21.82
C LYS A 187 -16.10 7.92 20.84
N ALA A 188 -16.28 7.08 19.84
CA ALA A 188 -15.20 6.77 18.93
C ALA A 188 -14.86 7.91 17.99
N CYS A 189 -15.85 8.53 17.39
CA CYS A 189 -15.60 9.73 16.60
C CYS A 189 -15.06 10.88 17.46
N SER A 190 -15.67 11.07 18.63
CA SER A 190 -15.30 12.15 19.54
C SER A 190 -13.82 12.12 19.88
N LEU A 191 -13.30 10.91 20.07
CA LEU A 191 -11.90 10.68 20.39
C LEU A 191 -10.98 10.91 19.20
N ALA A 192 -11.40 10.45 18.03
CA ALA A 192 -10.59 10.58 16.82
C ALA A 192 -10.42 12.05 16.43
N LYS A 193 -11.48 12.83 16.56
CA LYS A 193 -11.43 14.24 16.23
C LYS A 193 -10.56 14.95 17.24
N THR A 194 -10.64 14.55 18.51
CA THR A 194 -9.79 15.13 19.54
C THR A 194 -8.34 15.01 19.14
N ALA A 195 -7.91 13.77 18.94
CA ALA A 195 -6.55 13.48 18.57
C ALA A 195 -6.11 14.18 17.27
N PHE A 196 -7.02 14.22 16.30
CA PHE A 196 -6.73 14.79 14.98
C PHE A 196 -6.64 16.30 14.97
N ASP A 197 -7.62 16.95 15.59
CA ASP A 197 -7.68 18.40 15.58
C ASP A 197 -6.55 19.00 16.43
N GLU A 198 -6.11 18.30 17.46
CA GLU A 198 -4.96 18.79 18.17
C GLU A 198 -3.74 18.79 17.25
N ALA A 199 -3.64 17.75 16.46
CA ALA A 199 -2.50 17.56 15.62
C ALA A 199 -2.33 18.65 14.58
N ILE A 200 -3.42 19.02 13.94
CA ILE A 200 -3.32 19.96 12.85
C ILE A 200 -2.77 21.24 13.41
N ALA A 201 -3.25 21.61 14.58
CA ALA A 201 -2.80 22.83 15.19
C ALA A 201 -1.34 22.78 15.55
N GLU A 202 -0.90 21.70 16.17
CA GLU A 202 0.49 21.64 16.60
C GLU A 202 1.38 21.58 15.38
N LEU A 203 0.78 21.37 14.22
CA LEU A 203 1.59 21.16 13.06
C LEU A 203 2.05 22.47 12.47
N ASP A 204 2.88 23.12 13.27
CA ASP A 204 3.76 24.18 12.86
C ASP A 204 5.16 23.66 13.15
N THR A 205 5.28 23.02 14.28
CA THR A 205 6.56 22.66 14.82
C THR A 205 7.27 21.76 13.86
N LEU A 206 6.51 20.89 13.25
CA LEU A 206 7.07 19.65 12.78
C LEU A 206 8.13 19.80 11.71
N SER A 207 9.15 18.97 11.86
CA SER A 207 10.20 18.78 10.89
C SER A 207 9.56 18.05 9.75
N GLU A 208 10.14 18.13 8.57
CA GLU A 208 9.46 17.56 7.42
C GLU A 208 9.20 16.09 7.63
N GLU A 209 10.19 15.37 8.13
CA GLU A 209 10.07 13.94 8.35
C GLU A 209 9.05 13.57 9.42
N SER A 210 9.05 14.30 10.52
CA SER A 210 8.17 14.01 11.62
C SER A 210 6.80 14.18 11.07
N TYR A 211 6.73 15.16 10.22
CA TYR A 211 5.53 15.65 9.59
C TYR A 211 4.97 14.46 8.83
N LYS A 212 5.87 13.69 8.24
CA LYS A 212 5.49 12.53 7.45
C LYS A 212 4.91 11.40 8.29
N ASP A 213 5.53 11.11 9.43
CA ASP A 213 5.04 10.04 10.29
C ASP A 213 3.67 10.42 10.82
N SER A 214 3.55 11.69 11.19
CA SER A 214 2.31 12.24 11.72
C SER A 214 1.18 12.32 10.71
N THR A 215 1.46 12.92 9.56
CA THR A 215 0.46 13.11 8.53
C THR A 215 -0.09 11.74 8.09
N LEU A 216 0.77 10.73 8.16
CA LEU A 216 0.43 9.36 7.80
C LEU A 216 -0.68 8.78 8.70
N ILE A 217 -0.46 8.90 10.00
CA ILE A 217 -1.41 8.43 11.02
C ILE A 217 -2.67 9.29 11.10
N MET A 218 -2.48 10.60 10.97
CA MET A 218 -3.59 11.52 10.95
C MET A 218 -4.47 11.19 9.77
N GLN A 219 -3.87 10.70 8.70
CA GLN A 219 -4.65 10.36 7.53
C GLN A 219 -5.50 9.13 7.80
N LEU A 220 -5.04 8.27 8.69
CA LEU A 220 -5.81 7.09 9.08
C LEU A 220 -7.01 7.49 9.95
N LEU A 221 -6.79 8.45 10.85
CA LEU A 221 -7.87 8.97 11.67
C LEU A 221 -9.01 9.51 10.83
N ARG A 222 -8.68 10.37 9.86
CA ARG A 222 -9.70 10.97 9.01
C ARG A 222 -10.35 9.95 8.10
N ASP A 223 -9.58 8.94 7.68
CA ASP A 223 -10.10 7.88 6.83
C ASP A 223 -11.28 7.14 7.46
N ASN A 224 -11.18 6.88 8.76
CA ASN A 224 -12.27 6.28 9.50
C ASN A 224 -13.43 7.24 9.71
N LEU A 225 -13.12 8.44 10.16
CA LEU A 225 -14.12 9.48 10.33
C LEU A 225 -14.93 9.64 9.05
N THR A 226 -14.24 9.67 7.91
CA THR A 226 -14.89 9.73 6.61
C THR A 226 -15.83 8.55 6.47
N LEU A 227 -15.29 7.38 6.79
CA LEU A 227 -16.02 6.14 6.70
C LEU A 227 -17.16 6.13 7.72
N TRP A 228 -16.94 6.77 8.86
CA TRP A 228 -17.96 6.75 9.89
C TRP A 228 -19.01 7.87 9.75
N THR A 229 -18.76 8.85 8.88
CA THR A 229 -19.81 9.83 8.58
C THR A 229 -20.00 10.04 7.06
N ASP B 2 -23.29 15.85 -19.65
CA ASP B 2 -22.37 16.25 -20.69
C ASP B 2 -21.12 15.47 -20.52
N LYS B 3 -20.34 15.89 -19.52
CA LYS B 3 -19.16 15.17 -19.10
C LYS B 3 -19.52 13.88 -18.45
N ASN B 4 -20.48 13.95 -17.57
CA ASN B 4 -20.73 12.83 -16.70
C ASN B 4 -21.15 11.67 -17.52
N GLU B 5 -21.89 11.97 -18.55
CA GLU B 5 -22.39 10.96 -19.48
C GLU B 5 -21.21 10.25 -20.15
N LEU B 6 -20.19 11.01 -20.53
CA LEU B 6 -19.00 10.42 -21.12
C LEU B 6 -18.38 9.44 -20.12
N VAL B 7 -18.30 9.86 -18.86
CA VAL B 7 -17.72 9.03 -17.82
C VAL B 7 -18.49 7.71 -17.65
N GLN B 8 -19.83 7.76 -17.75
CA GLN B 8 -20.64 6.55 -17.76
C GLN B 8 -20.55 5.76 -19.07
N LYS B 9 -20.42 6.45 -20.20
CA LYS B 9 -20.24 5.78 -21.47
C LYS B 9 -18.87 5.11 -21.44
N ALA B 10 -17.91 5.76 -20.77
CA ALA B 10 -16.57 5.23 -20.63
C ALA B 10 -16.55 3.95 -19.79
N LYS B 11 -17.27 3.97 -18.67
CA LYS B 11 -17.39 2.76 -17.87
C LYS B 11 -18.09 1.67 -18.67
N LEU B 12 -19.04 2.06 -19.50
CA LEU B 12 -19.73 1.11 -20.33
C LEU B 12 -18.82 0.44 -21.33
N ALA B 13 -18.00 1.26 -21.99
CA ALA B 13 -17.09 0.76 -22.98
C ALA B 13 -16.13 -0.22 -22.34
N GLU B 14 -15.70 0.14 -21.14
CA GLU B 14 -14.73 -0.67 -20.42
C GLU B 14 -15.24 -2.08 -20.20
N GLN B 15 -16.51 -2.19 -19.84
CA GLN B 15 -17.10 -3.46 -19.54
C GLN B 15 -17.27 -4.27 -20.82
N ALA B 16 -17.45 -3.57 -21.93
CA ALA B 16 -17.65 -4.20 -23.22
C ALA B 16 -16.34 -4.62 -23.86
N GLU B 17 -15.23 -4.31 -23.16
CA GLU B 17 -13.90 -4.56 -23.66
C GLU B 17 -13.80 -3.90 -25.02
N ARG B 18 -14.42 -2.73 -25.07
CA ARG B 18 -14.33 -1.87 -26.23
C ARG B 18 -13.51 -0.65 -25.82
N TYR B 19 -12.20 -0.86 -25.71
CA TYR B 19 -11.31 0.11 -25.09
C TYR B 19 -11.06 1.32 -25.95
N ASP B 20 -11.20 1.16 -27.25
CA ASP B 20 -10.92 2.28 -28.14
C ASP B 20 -11.99 3.34 -27.99
N ASP B 21 -13.24 2.90 -27.80
CA ASP B 21 -14.32 3.82 -27.47
C ASP B 21 -14.11 4.40 -26.07
N MET B 22 -13.58 3.59 -25.16
CA MET B 22 -13.36 4.04 -23.79
C MET B 22 -12.38 5.21 -23.72
N ALA B 23 -11.24 5.06 -24.40
CA ALA B 23 -10.24 6.13 -24.49
C ALA B 23 -10.82 7.34 -25.20
N ALA B 24 -11.59 7.08 -26.24
CA ALA B 24 -12.25 8.14 -26.99
C ALA B 24 -13.12 8.99 -26.05
N CYS B 25 -13.89 8.33 -25.19
CA CYS B 25 -14.71 9.02 -24.19
C CYS B 25 -13.90 9.86 -23.21
N MET B 26 -12.86 9.26 -22.65
CA MET B 26 -12.09 9.94 -21.61
C MET B 26 -11.20 11.03 -22.16
N LYS B 27 -10.88 10.94 -23.44
CA LYS B 27 -10.17 12.03 -24.11
C LYS B 27 -11.07 13.25 -24.19
N SER B 28 -12.32 13.04 -24.52
CA SER B 28 -13.25 14.14 -24.54
C SER B 28 -13.39 14.76 -23.14
N VAL B 29 -13.37 13.94 -22.09
CA VAL B 29 -13.47 14.47 -20.74
C VAL B 29 -12.24 15.33 -20.41
N THR B 30 -11.09 14.93 -20.96
CA THR B 30 -9.83 15.66 -20.75
C THR B 30 -9.88 16.98 -21.48
N GLU B 31 -10.39 16.94 -22.70
CA GLU B 31 -10.46 18.12 -23.56
C GLU B 31 -11.53 19.12 -23.10
N GLN B 32 -12.33 18.74 -22.09
CA GLN B 32 -13.28 19.66 -21.44
C GLN B 32 -12.47 20.81 -20.90
N GLY B 33 -11.22 20.48 -20.55
CA GLY B 33 -10.24 21.44 -20.06
C GLY B 33 -10.14 21.43 -18.56
N ALA B 34 -11.18 20.89 -17.93
CA ALA B 34 -11.21 20.85 -16.48
C ALA B 34 -10.30 19.73 -15.98
N GLU B 35 -9.58 20.01 -14.89
CA GLU B 35 -8.72 19.01 -14.26
C GLU B 35 -9.52 17.75 -13.84
N LEU B 36 -8.95 16.57 -14.05
CA LEU B 36 -9.63 15.31 -13.81
C LEU B 36 -9.68 14.88 -12.36
N SER B 37 -10.72 14.11 -12.02
CA SER B 37 -10.90 13.50 -10.71
C SER B 37 -10.13 12.20 -10.61
N ASN B 38 -9.91 11.73 -9.39
CA ASN B 38 -9.19 10.48 -9.14
C ASN B 38 -9.74 9.34 -10.00
N GLU B 39 -11.06 9.22 -10.05
CA GLU B 39 -11.72 8.19 -10.84
C GLU B 39 -11.43 8.31 -12.34
N GLU B 40 -11.64 9.53 -12.82
CA GLU B 40 -11.56 9.84 -14.24
C GLU B 40 -10.18 9.58 -14.81
N ARG B 41 -9.14 9.88 -14.03
CA ARG B 41 -7.78 9.59 -14.46
C ARG B 41 -7.59 8.11 -14.64
N ASN B 42 -8.00 7.35 -13.62
CA ASN B 42 -7.84 5.92 -13.66
C ASN B 42 -8.46 5.37 -14.94
N LEU B 43 -9.70 5.77 -15.22
CA LEU B 43 -10.39 5.34 -16.44
C LEU B 43 -9.61 5.73 -17.67
N LEU B 44 -8.98 6.90 -17.63
CA LEU B 44 -8.17 7.35 -18.75
C LEU B 44 -6.93 6.45 -18.91
N SER B 45 -6.24 6.21 -17.80
CA SER B 45 -5.02 5.42 -17.84
C SER B 45 -5.35 4.02 -18.30
N VAL B 46 -6.44 3.46 -17.76
CA VAL B 46 -6.84 2.10 -18.10
C VAL B 46 -7.25 2.01 -19.57
N ALA B 47 -7.97 3.03 -20.01
CA ALA B 47 -8.40 3.06 -21.40
C ALA B 47 -7.22 2.98 -22.35
N TYR B 48 -6.31 3.93 -22.22
CA TYR B 48 -5.21 4.01 -23.14
C TYR B 48 -4.17 2.93 -22.90
N LYS B 49 -4.17 2.34 -21.70
CA LYS B 49 -3.22 1.26 -21.43
C LYS B 49 -3.64 0.03 -22.24
N ASN B 50 -4.93 -0.24 -22.31
CA ASN B 50 -5.41 -1.39 -23.07
C ASN B 50 -5.39 -1.11 -24.55
N VAL B 51 -5.65 0.13 -24.90
CA VAL B 51 -5.58 0.53 -26.30
C VAL B 51 -4.14 0.42 -26.84
N VAL B 52 -3.16 0.96 -26.12
CA VAL B 52 -1.78 0.83 -26.59
C VAL B 52 -1.27 -0.61 -26.44
N GLY B 53 -1.80 -1.32 -25.44
CA GLY B 53 -1.35 -2.66 -25.12
C GLY B 53 -1.70 -3.68 -26.18
N ALA B 54 -2.82 -3.45 -26.87
CA ALA B 54 -3.27 -4.40 -27.88
C ALA B 54 -2.31 -4.43 -29.04
N ARG B 55 -1.76 -3.26 -29.35
CA ARG B 55 -0.83 -3.16 -30.46
C ARG B 55 0.58 -3.56 -30.04
N ARG B 56 0.92 -3.32 -28.78
CA ARG B 56 2.18 -3.78 -28.24
C ARG B 56 2.26 -5.29 -28.28
N SER B 57 1.16 -5.96 -27.91
CA SER B 57 1.07 -7.42 -27.94
C SER B 57 1.20 -7.97 -29.34
N SER B 58 0.47 -7.38 -30.27
CA SER B 58 0.54 -7.79 -31.67
C SER B 58 1.97 -7.61 -32.16
N TRP B 59 2.52 -6.45 -31.86
CA TRP B 59 3.87 -6.10 -32.26
C TRP B 59 4.88 -7.15 -31.78
N ARG B 60 4.81 -7.50 -30.50
CA ARG B 60 5.70 -8.52 -29.94
C ARG B 60 5.57 -9.85 -30.72
N VAL B 61 4.36 -10.15 -31.20
CA VAL B 61 4.10 -11.37 -31.97
C VAL B 61 4.66 -11.36 -33.41
N VAL B 62 4.49 -10.24 -34.12
CA VAL B 62 4.97 -10.12 -35.48
C VAL B 62 6.49 -10.30 -35.51
N SER B 63 7.17 -9.57 -34.63
CA SER B 63 8.61 -9.65 -34.55
C SER B 63 9.05 -11.05 -34.13
N SER B 64 8.21 -11.74 -33.36
CA SER B 64 8.56 -13.09 -32.90
C SER B 64 8.67 -14.02 -34.08
N ILE B 65 7.83 -13.80 -35.08
CA ILE B 65 7.93 -14.57 -36.29
C ILE B 65 8.60 -13.79 -37.40
N GLU B 66 8.92 -12.54 -37.16
CA GLU B 66 9.70 -11.80 -38.15
C GLU B 66 11.15 -12.38 -38.25
N GLN B 67 11.47 -13.32 -37.39
CA GLN B 67 12.68 -14.07 -37.57
C GLN B 67 12.43 -14.80 -38.85
N LYS B 68 13.45 -14.95 -39.70
CA LYS B 68 13.24 -15.58 -40.99
C LYS B 68 12.82 -17.03 -40.85
N GLU B 73 12.62 -16.21 -46.28
CA GLU B 73 13.22 -15.07 -46.98
C GLU B 73 12.22 -13.94 -47.18
N LYS B 74 11.43 -14.01 -48.26
CA LYS B 74 10.49 -12.94 -48.58
C LYS B 74 9.32 -12.94 -47.61
N LYS B 75 9.12 -14.05 -46.91
CA LYS B 75 8.12 -14.10 -45.86
C LYS B 75 8.56 -13.20 -44.71
N GLN B 76 9.88 -13.00 -44.59
CA GLN B 76 10.40 -12.06 -43.60
C GLN B 76 10.18 -10.63 -44.06
N GLN B 77 10.08 -10.40 -45.37
CA GLN B 77 9.78 -9.06 -45.86
C GLN B 77 8.34 -8.67 -45.56
N MET B 78 7.44 -9.65 -45.66
CA MET B 78 6.01 -9.45 -45.41
C MET B 78 5.70 -9.10 -43.96
N ALA B 79 6.31 -9.83 -43.04
CA ALA B 79 6.14 -9.59 -41.62
C ALA B 79 6.59 -8.17 -41.25
N ARG B 80 7.62 -7.66 -41.92
CA ARG B 80 8.14 -6.32 -41.67
C ARG B 80 7.14 -5.20 -41.96
N GLU B 81 6.47 -5.27 -43.10
CA GLU B 81 5.49 -4.27 -43.49
C GLU B 81 4.33 -4.19 -42.50
N TYR B 82 3.91 -5.36 -42.01
CA TYR B 82 2.84 -5.42 -41.01
C TYR B 82 3.37 -4.87 -39.67
N ARG B 83 4.63 -5.16 -39.36
CA ARG B 83 5.24 -4.66 -38.13
C ARG B 83 5.21 -3.14 -38.24
N GLU B 84 5.47 -2.61 -39.42
CA GLU B 84 5.42 -1.16 -39.57
C GLU B 84 3.98 -0.64 -39.51
N LYS B 85 3.02 -1.42 -40.01
CA LYS B 85 1.63 -0.99 -39.99
C LYS B 85 1.15 -0.79 -38.55
N ILE B 86 1.49 -1.76 -37.70
CA ILE B 86 1.15 -1.70 -36.28
C ILE B 86 1.88 -0.52 -35.63
N GLU B 87 3.17 -0.36 -35.96
CA GLU B 87 4.02 0.67 -35.35
C GLU B 87 3.48 2.08 -35.61
N THR B 88 2.76 2.26 -36.71
CA THR B 88 2.21 3.57 -37.02
C THR B 88 0.95 3.81 -36.20
N GLU B 89 0.14 2.77 -36.09
CA GLU B 89 -1.02 2.79 -35.25
C GLU B 89 -0.58 3.06 -33.82
N LEU B 90 0.47 2.36 -33.40
CA LEU B 90 0.99 2.44 -32.02
C LEU B 90 1.54 3.82 -31.68
N ARG B 91 2.33 4.39 -32.58
CA ARG B 91 2.91 5.70 -32.34
C ARG B 91 1.85 6.76 -32.24
N ASP B 92 0.85 6.68 -33.12
CA ASP B 92 -0.27 7.62 -33.15
C ASP B 92 -0.97 7.65 -31.78
N ILE B 93 -1.28 6.47 -31.23
CA ILE B 93 -1.86 6.37 -29.89
C ILE B 93 -0.99 7.03 -28.83
N CYS B 94 0.30 6.69 -28.84
CA CYS B 94 1.25 7.22 -27.88
C CYS B 94 1.27 8.75 -27.96
N ASN B 95 1.43 9.26 -29.18
CA ASN B 95 1.46 10.71 -29.42
C ASN B 95 0.19 11.41 -28.96
N ASP B 96 -0.93 10.75 -29.19
CA ASP B 96 -2.23 11.23 -28.77
C ASP B 96 -2.26 11.46 -27.25
N VAL B 97 -1.77 10.48 -26.50
CA VAL B 97 -1.83 10.59 -25.06
C VAL B 97 -0.85 11.66 -24.60
N LEU B 98 0.34 11.64 -25.20
CA LEU B 98 1.40 12.56 -24.82
C LEU B 98 0.97 14.01 -24.98
N SER B 99 0.19 14.27 -26.03
CA SER B 99 -0.39 15.58 -26.28
C SER B 99 -1.32 15.99 -25.16
N LEU B 100 -2.26 15.11 -24.83
CA LEU B 100 -3.25 15.40 -23.79
C LEU B 100 -2.55 15.74 -22.48
N LEU B 101 -1.45 15.04 -22.25
CA LEU B 101 -0.63 15.27 -21.07
C LEU B 101 0.04 16.65 -21.05
N GLU B 102 0.76 16.98 -22.13
CA GLU B 102 1.49 18.25 -22.20
C GLU B 102 0.59 19.46 -22.28
N LYS B 103 -0.56 19.24 -22.91
CA LYS B 103 -1.55 20.30 -23.16
C LYS B 103 -2.61 20.44 -22.05
N PHE B 104 -3.16 19.33 -21.58
CA PHE B 104 -4.29 19.43 -20.65
C PHE B 104 -4.03 18.92 -19.26
N LEU B 105 -3.44 17.74 -19.18
CA LEU B 105 -3.40 17.05 -17.90
C LEU B 105 -2.35 17.63 -16.94
N ILE B 106 -1.11 17.70 -17.41
CA ILE B 106 0.03 18.15 -16.58
C ILE B 106 -0.05 19.63 -16.18
N PRO B 107 -0.39 20.53 -17.13
CA PRO B 107 -0.53 21.91 -16.64
C PRO B 107 -1.61 22.08 -15.56
N ASN B 108 -2.81 21.62 -15.79
CA ASN B 108 -3.90 21.77 -14.84
C ASN B 108 -3.74 20.98 -13.56
N ALA B 109 -2.72 20.16 -13.51
CA ALA B 109 -2.48 19.30 -12.36
C ALA B 109 -2.32 20.12 -11.08
N SER B 110 -3.11 19.81 -10.06
CA SER B 110 -3.11 20.58 -8.83
C SER B 110 -2.37 19.82 -7.71
N GLN B 111 -2.88 18.64 -7.35
CA GLN B 111 -2.24 17.87 -6.28
C GLN B 111 -0.92 17.30 -6.80
N ALA B 112 0.04 17.12 -5.89
CA ALA B 112 1.30 16.48 -6.25
C ALA B 112 0.97 15.08 -6.70
N GLU B 113 -0.02 14.46 -6.03
CA GLU B 113 -0.49 13.13 -6.37
C GLU B 113 -0.90 13.09 -7.83
N SER B 114 -1.57 14.13 -8.28
CA SER B 114 -2.08 14.14 -9.64
C SER B 114 -0.96 14.31 -10.66
N LYS B 115 -0.02 15.21 -10.43
CA LYS B 115 1.06 15.40 -11.42
C LYS B 115 2.09 14.27 -11.41
N VAL B 116 2.26 13.63 -10.26
CA VAL B 116 3.10 12.45 -10.23
C VAL B 116 2.47 11.43 -11.16
N PHE B 117 1.14 11.29 -11.03
CA PHE B 117 0.38 10.37 -11.88
C PHE B 117 0.59 10.72 -13.37
N TYR B 118 0.37 11.97 -13.72
CA TYR B 118 0.45 12.36 -15.12
C TYR B 118 1.87 12.35 -15.64
N LEU B 119 2.83 12.64 -14.78
CA LEU B 119 4.21 12.55 -15.21
C LEU B 119 4.63 11.11 -15.41
N LYS B 120 4.08 10.19 -14.62
CA LYS B 120 4.39 8.78 -14.80
C LYS B 120 3.83 8.25 -16.11
N MET B 121 2.67 8.78 -16.49
CA MET B 121 2.05 8.46 -17.77
C MET B 121 2.99 8.88 -18.91
N LYS B 122 3.53 10.08 -18.78
CA LYS B 122 4.43 10.66 -19.77
C LYS B 122 5.67 9.79 -19.98
N GLY B 123 6.30 9.36 -18.90
CA GLY B 123 7.44 8.47 -19.02
C GLY B 123 7.01 7.18 -19.69
N ASP B 124 5.86 6.66 -19.27
CA ASP B 124 5.36 5.40 -19.81
C ASP B 124 5.17 5.43 -21.31
N TYR B 125 4.48 6.45 -21.82
CA TYR B 125 4.16 6.43 -23.23
C TYR B 125 5.39 6.80 -24.09
N TYR B 126 6.33 7.52 -23.52
CA TYR B 126 7.61 7.71 -24.18
C TYR B 126 8.39 6.39 -24.16
N ARG B 127 8.16 5.57 -23.14
CA ARG B 127 8.83 4.27 -23.07
C ARG B 127 8.35 3.33 -24.18
N TYR B 128 7.06 3.41 -24.50
CA TYR B 128 6.48 2.57 -25.56
C TYR B 128 7.04 2.98 -26.91
N LEU B 129 7.31 4.26 -27.06
CA LEU B 129 7.89 4.76 -28.29
C LEU B 129 9.29 4.23 -28.52
N ALA B 130 10.05 4.15 -27.43
CA ALA B 130 11.39 3.60 -27.47
C ALA B 130 11.42 2.11 -27.79
N GLU B 131 10.30 1.42 -27.59
CA GLU B 131 10.23 -0.02 -27.84
C GLU B 131 10.23 -0.34 -29.33
N VAL B 132 9.85 0.66 -30.11
CA VAL B 132 9.72 0.53 -31.56
C VAL B 132 10.54 1.58 -32.31
N ALA B 133 11.24 2.40 -31.54
CA ALA B 133 12.08 3.47 -32.05
C ALA B 133 13.28 2.94 -32.78
N ALA B 134 13.54 3.49 -33.96
CA ALA B 134 14.73 3.16 -34.71
C ALA B 134 15.85 4.05 -34.18
N GLY B 135 17.09 3.66 -34.39
CA GLY B 135 18.26 4.37 -33.88
C GLY B 135 18.30 5.88 -33.85
N ASP B 136 17.81 6.54 -34.89
CA ASP B 136 18.02 7.99 -35.02
C ASP B 136 17.36 8.76 -33.88
N ASP B 137 16.08 8.49 -33.61
CA ASP B 137 15.35 9.16 -32.53
C ASP B 137 15.16 8.27 -31.28
N LYS B 138 15.76 7.07 -31.27
CA LYS B 138 15.63 6.21 -30.11
C LYS B 138 16.25 6.85 -28.88
N LYS B 139 17.49 7.34 -29.01
CA LYS B 139 18.21 7.91 -27.87
C LYS B 139 17.45 9.12 -27.29
N GLY B 140 16.93 9.99 -28.16
CA GLY B 140 16.14 11.12 -27.70
C GLY B 140 14.80 10.74 -27.06
N ILE B 141 14.11 9.78 -27.67
CA ILE B 141 12.84 9.30 -27.15
C ILE B 141 13.08 8.66 -25.78
N VAL B 142 14.17 7.91 -25.65
CA VAL B 142 14.52 7.35 -24.36
C VAL B 142 14.66 8.47 -23.33
N ASP B 143 15.23 9.60 -23.74
CA ASP B 143 15.49 10.69 -22.80
C ASP B 143 14.25 11.34 -22.24
N GLN B 144 13.30 11.70 -23.10
CA GLN B 144 12.09 12.38 -22.64
C GLN B 144 11.36 11.55 -21.59
N SER B 145 11.38 10.24 -21.76
CA SER B 145 10.80 9.34 -20.78
C SER B 145 11.53 9.43 -19.45
N GLN B 146 12.84 9.19 -19.47
CA GLN B 146 13.63 9.19 -18.23
C GLN B 146 13.55 10.53 -17.51
N GLN B 147 13.48 11.61 -18.27
CA GLN B 147 13.33 12.90 -17.63
C GLN B 147 11.95 13.00 -16.97
N ALA B 148 10.92 12.50 -17.63
CA ALA B 148 9.57 12.52 -17.07
C ALA B 148 9.49 11.70 -15.79
N TYR B 149 9.96 10.45 -15.86
CA TYR B 149 10.03 9.60 -14.67
C TYR B 149 10.78 10.25 -13.54
N GLN B 150 12.02 10.62 -13.81
CA GLN B 150 12.87 11.22 -12.79
C GLN B 150 12.17 12.39 -12.11
N GLU B 151 11.59 13.29 -12.88
CA GLU B 151 10.83 14.39 -12.29
C GLU B 151 9.67 13.87 -11.42
N ALA B 152 8.91 12.93 -11.97
CA ALA B 152 7.83 12.30 -11.23
C ALA B 152 8.38 11.63 -9.98
N PHE B 153 9.54 10.99 -10.14
CA PHE B 153 10.18 10.24 -9.06
C PHE B 153 10.62 11.12 -7.89
N GLU B 154 11.09 12.32 -8.19
CA GLU B 154 11.54 13.22 -7.14
C GLU B 154 10.35 13.82 -6.40
N ILE B 155 9.36 14.25 -7.16
CA ILE B 155 8.13 14.79 -6.57
C ILE B 155 7.53 13.80 -5.62
N SER B 156 7.46 12.55 -6.06
CA SER B 156 6.87 11.48 -5.27
C SER B 156 7.63 11.22 -3.97
N LYS B 157 8.95 11.26 -4.00
CA LYS B 157 9.73 11.05 -2.77
C LYS B 157 9.47 12.12 -1.71
N LYS B 158 9.18 13.32 -2.17
CA LYS B 158 8.92 14.42 -1.26
C LYS B 158 7.54 14.35 -0.65
N GLU B 159 6.53 14.15 -1.50
CA GLU B 159 5.18 14.44 -1.08
C GLU B 159 4.26 13.24 -0.90
N MET B 160 4.75 12.05 -1.23
CA MET B 160 3.88 10.89 -1.14
C MET B 160 4.59 9.82 -0.30
N GLN B 161 3.84 9.25 0.62
CA GLN B 161 4.34 8.19 1.49
C GLN B 161 4.67 6.95 0.65
N PRO B 162 5.72 6.21 1.06
CA PRO B 162 6.26 5.02 0.36
C PRO B 162 5.25 3.94 -0.05
N THR B 163 4.07 3.87 0.58
CA THR B 163 3.10 2.83 0.22
C THR B 163 2.01 3.37 -0.67
N HIS B 164 2.17 4.61 -1.09
CA HIS B 164 1.19 5.18 -1.98
C HIS B 164 1.30 4.47 -3.33
N PRO B 165 0.16 3.93 -3.79
CA PRO B 165 0.03 3.12 -5.01
C PRO B 165 0.64 3.81 -6.21
N ILE B 166 0.48 5.12 -6.29
CA ILE B 166 1.02 5.83 -7.42
C ILE B 166 2.55 5.92 -7.37
N ARG B 167 3.10 6.24 -6.21
CA ARG B 167 4.56 6.28 -6.00
C ARG B 167 5.20 4.90 -6.31
N LEU B 168 4.54 3.85 -5.85
CA LEU B 168 4.97 2.49 -6.10
C LEU B 168 4.92 2.10 -7.57
N GLY B 169 3.83 2.48 -8.24
CA GLY B 169 3.64 2.16 -9.64
C GLY B 169 4.73 2.83 -10.43
N LEU B 170 5.04 4.06 -10.03
CA LEU B 170 6.09 4.83 -10.64
C LEU B 170 7.45 4.18 -10.43
N ALA B 171 7.70 3.69 -9.21
CA ALA B 171 8.96 3.02 -8.92
C ALA B 171 9.11 1.79 -9.81
N LEU B 172 8.05 0.99 -9.89
CA LEU B 172 8.05 -0.22 -10.70
C LEU B 172 8.29 0.10 -12.16
N ASN B 173 7.59 1.10 -12.67
CA ASN B 173 7.74 1.44 -14.07
C ASN B 173 9.09 2.04 -14.45
N PHE B 174 9.65 2.85 -13.57
CA PHE B 174 10.91 3.51 -13.87
C PHE B 174 11.99 2.45 -13.66
N SER B 175 11.72 1.53 -12.73
CA SER B 175 12.61 0.40 -12.53
C SER B 175 12.74 -0.45 -13.78
N VAL B 176 11.60 -0.78 -14.38
CA VAL B 176 11.54 -1.50 -15.63
C VAL B 176 12.23 -0.71 -16.74
N PHE B 177 12.03 0.60 -16.76
CA PHE B 177 12.68 1.45 -17.73
C PHE B 177 14.22 1.32 -17.73
N TYR B 178 14.81 1.49 -16.55
CA TYR B 178 16.23 1.32 -16.42
C TYR B 178 16.62 -0.07 -16.87
N TYR B 179 15.87 -1.04 -16.43
CA TYR B 179 16.24 -2.40 -16.71
C TYR B 179 16.27 -2.72 -18.22
N GLU B 180 15.20 -2.31 -18.90
CA GLU B 180 14.94 -2.73 -20.27
C GLU B 180 15.39 -1.74 -21.31
N ILE B 181 15.08 -0.47 -21.08
CA ILE B 181 15.35 0.54 -22.09
C ILE B 181 16.77 1.06 -21.96
N LEU B 182 17.20 1.31 -20.72
CA LEU B 182 18.56 1.75 -20.47
C LEU B 182 19.56 0.58 -20.28
N ASN B 183 19.05 -0.64 -20.14
CA ASN B 183 19.88 -1.81 -19.83
C ASN B 183 20.80 -1.57 -18.64
N SER B 184 20.23 -1.05 -17.57
CA SER B 184 20.96 -0.81 -16.34
C SER B 184 20.36 -1.65 -15.24
N PRO B 185 20.69 -2.94 -15.20
CA PRO B 185 20.13 -3.88 -14.23
C PRO B 185 20.39 -3.50 -12.77
N GLU B 186 21.61 -3.15 -12.44
CA GLU B 186 21.95 -2.79 -11.10
C GLU B 186 21.25 -1.55 -10.64
N LYS B 187 21.16 -0.56 -11.49
CA LYS B 187 20.40 0.61 -11.17
C LYS B 187 18.96 0.26 -11.03
N ALA B 188 18.50 -0.64 -11.87
CA ALA B 188 17.13 -1.10 -11.83
C ALA B 188 16.76 -1.84 -10.56
N CYS B 189 17.60 -2.73 -10.12
CA CYS B 189 17.34 -3.39 -8.83
C CYS B 189 17.38 -2.40 -7.69
N SER B 190 18.38 -1.54 -7.70
CA SER B 190 18.54 -0.57 -6.63
C SER B 190 17.29 0.31 -6.41
N LEU B 191 16.71 0.78 -7.50
CA LEU B 191 15.57 1.65 -7.42
C LEU B 191 14.37 0.81 -6.95
N ALA B 192 14.27 -0.41 -7.46
CA ALA B 192 13.16 -1.29 -7.11
C ALA B 192 13.25 -1.77 -5.68
N LYS B 193 14.48 -2.09 -5.25
CA LYS B 193 14.70 -2.64 -3.92
C LYS B 193 14.39 -1.61 -2.85
N THR B 194 14.84 -0.38 -3.08
CA THR B 194 14.58 0.71 -2.16
C THR B 194 13.07 0.88 -1.98
N ALA B 195 12.41 1.07 -3.11
CA ALA B 195 10.98 1.35 -3.16
C ALA B 195 10.19 0.30 -2.44
N PHE B 196 10.64 -0.94 -2.58
CA PHE B 196 9.99 -2.07 -1.95
C PHE B 196 10.22 -2.12 -0.44
N ASP B 197 11.45 -1.92 -0.02
CA ASP B 197 11.80 -2.07 1.38
C ASP B 197 11.16 -0.96 2.21
N GLU B 198 11.13 0.26 1.67
CA GLU B 198 10.44 1.36 2.33
C GLU B 198 8.93 1.12 2.36
N ALA B 199 8.42 0.43 1.35
CA ALA B 199 7.00 0.13 1.24
C ALA B 199 6.61 -0.96 2.25
N ILE B 200 7.45 -1.98 2.36
CA ILE B 200 7.23 -3.05 3.34
C ILE B 200 7.25 -2.45 4.73
N ALA B 201 8.27 -1.63 4.97
CA ALA B 201 8.48 -1.07 6.29
C ALA B 201 7.25 -0.27 6.74
N GLU B 202 6.61 0.44 5.82
CA GLU B 202 5.45 1.25 6.16
C GLU B 202 4.13 0.48 6.19
N LEU B 203 4.10 -0.66 5.52
CA LEU B 203 2.87 -1.41 5.35
C LEU B 203 2.61 -2.34 6.53
N ASP B 204 3.68 -2.65 7.24
CA ASP B 204 3.59 -3.41 8.47
C ASP B 204 2.96 -2.51 9.52
N THR B 205 3.06 -1.21 9.26
CA THR B 205 2.41 -0.21 10.10
C THR B 205 0.88 -0.27 9.87
N LEU B 206 0.51 -0.48 8.61
CA LEU B 206 -0.85 -0.31 8.11
C LEU B 206 -1.76 -1.56 8.22
N SER B 207 -3.08 -1.37 8.34
CA SER B 207 -4.00 -2.50 8.17
C SER B 207 -4.16 -2.76 6.67
N GLU B 208 -3.27 -3.61 6.15
CA GLU B 208 -3.01 -3.85 4.72
C GLU B 208 -4.22 -4.12 3.82
N GLU B 209 -5.30 -4.64 4.41
CA GLU B 209 -6.47 -4.99 3.63
C GLU B 209 -7.02 -3.79 2.89
N SER B 210 -6.92 -2.61 3.50
CA SER B 210 -7.32 -1.36 2.84
C SER B 210 -6.34 -0.93 1.74
N TYR B 211 -5.24 -1.68 1.58
CA TYR B 211 -4.23 -1.36 0.56
C TYR B 211 -3.94 -2.41 -0.51
N LYS B 212 -4.94 -3.09 -1.02
CA LYS B 212 -4.70 -4.17 -1.95
C LYS B 212 -3.99 -3.70 -3.21
N ASP B 213 -4.32 -2.52 -3.69
CA ASP B 213 -3.64 -2.01 -4.89
C ASP B 213 -2.16 -1.74 -4.61
N SER B 214 -1.85 -1.23 -3.42
CA SER B 214 -0.45 -1.06 -3.02
C SER B 214 0.27 -2.43 -2.92
N THR B 215 -0.29 -3.37 -2.14
CA THR B 215 0.38 -4.66 -1.94
C THR B 215 0.54 -5.37 -3.30
N LEU B 216 -0.38 -5.16 -4.21
CA LEU B 216 -0.28 -5.77 -5.53
C LEU B 216 0.98 -5.31 -6.27
N ILE B 217 1.21 -4.00 -6.32
CA ILE B 217 2.39 -3.45 -6.98
C ILE B 217 3.70 -3.86 -6.29
N MET B 218 3.65 -3.92 -4.96
CA MET B 218 4.78 -4.37 -4.18
C MET B 218 5.12 -5.80 -4.52
N GLN B 219 4.10 -6.56 -4.89
CA GLN B 219 4.34 -7.93 -5.31
C GLN B 219 4.98 -7.95 -6.72
N LEU B 220 4.72 -6.93 -7.53
CA LEU B 220 5.35 -6.85 -8.84
C LEU B 220 6.82 -6.47 -8.71
N LEU B 221 7.09 -5.58 -7.78
CA LEU B 221 8.44 -5.16 -7.45
C LEU B 221 9.35 -6.32 -7.03
N ARG B 222 8.93 -7.15 -6.10
CA ARG B 222 9.77 -8.27 -5.66
C ARG B 222 9.88 -9.35 -6.74
N ASP B 223 8.85 -9.54 -7.55
CA ASP B 223 8.93 -10.52 -8.65
C ASP B 223 10.13 -10.20 -9.55
N ASN B 224 10.34 -8.90 -9.82
CA ASN B 224 11.50 -8.47 -10.60
C ASN B 224 12.78 -8.59 -9.80
N LEU B 225 12.77 -8.10 -8.57
CA LEU B 225 13.95 -8.24 -7.72
C LEU B 225 14.45 -9.69 -7.71
N THR B 226 13.54 -10.63 -7.51
CA THR B 226 13.86 -12.04 -7.57
C THR B 226 14.48 -12.50 -8.91
N LEU B 227 13.83 -12.12 -10.02
CA LEU B 227 14.32 -12.49 -11.35
C LEU B 227 15.67 -11.82 -11.72
N TRP B 228 15.86 -10.58 -11.26
CA TRP B 228 17.02 -9.75 -11.57
C TRP B 228 18.20 -10.05 -10.60
N THR B 229 18.04 -11.04 -9.73
CA THR B 229 19.07 -11.41 -8.75
C THR B 229 19.66 -12.81 -8.98
N PRO C 4 9.09 -8.44 -22.42
CA PRO C 4 8.93 -8.87 -21.03
C PRO C 4 8.19 -7.84 -20.21
N ARG C 5 6.92 -8.07 -19.93
CA ARG C 5 6.19 -7.09 -19.15
C ARG C 5 6.28 -7.41 -17.67
N ILE C 6 6.87 -6.49 -16.93
CA ILE C 6 6.97 -6.58 -15.50
C ILE C 6 6.40 -5.30 -14.96
N SEP C 7 5.37 -4.81 -15.64
CA SEP C 7 4.87 -3.45 -15.46
CB SEP C 7 5.12 -2.64 -16.73
OG SEP C 7 3.94 -2.13 -17.31
C SEP C 7 3.43 -3.57 -15.04
O SEP C 7 2.89 -4.66 -15.07
P SEP C 7 3.76 -1.82 -18.84
O1P SEP C 7 3.47 -0.38 -18.89
O2P SEP C 7 2.63 -2.65 -19.25
O3P SEP C 7 5.08 -2.16 -19.38
N VAL C 8 2.85 -2.48 -14.56
CA VAL C 8 1.55 -2.48 -13.92
C VAL C 8 0.34 -2.87 -14.74
N ILE C 9 -0.51 -3.71 -14.18
CA ILE C 9 -1.95 -3.72 -14.45
C ILE C 9 -2.70 -4.68 -13.55
N SER C 10 -4.02 -4.60 -13.67
CA SER C 10 -5.03 -5.48 -13.05
C SER C 10 -5.94 -4.68 -12.12
N ARG C 18 -12.88 0.19 1.67
CA ARG C 18 -14.11 -0.48 2.10
C ARG C 18 -14.13 -0.79 3.61
N ARG C 19 -12.98 -0.70 4.29
CA ARG C 19 -12.87 -1.17 5.67
C ARG C 19 -12.14 -0.17 6.57
N ARG C 20 -12.28 -0.31 7.89
CA ARG C 20 -11.70 0.71 8.75
C ARG C 20 -10.23 0.40 9.12
N GLN C 21 -9.46 1.46 9.39
CA GLN C 21 -8.03 1.31 9.56
C GLN C 21 -7.61 1.20 11.01
N SEP C 22 -6.57 0.39 11.24
CA SEP C 22 -5.90 0.35 12.53
CB SEP C 22 -6.33 -0.87 13.35
OG SEP C 22 -6.14 -2.06 12.62
C SEP C 22 -4.40 0.32 12.29
O SEP C 22 -3.93 -0.09 11.23
P SEP C 22 -6.25 -3.31 13.61
O1P SEP C 22 -5.02 -3.26 14.66
O2P SEP C 22 -6.32 -4.67 12.75
O3P SEP C 22 -7.60 -3.19 14.45
N VAL C 23 -3.65 0.73 13.29
CA VAL C 23 -2.24 0.97 13.06
C VAL C 23 -1.36 0.34 14.14
N LEU C 24 -0.20 -0.15 13.70
CA LEU C 24 0.85 -0.58 14.59
C LEU C 24 1.91 0.51 14.48
N ASN C 25 2.59 0.84 15.58
CA ASN C 25 3.55 1.93 15.55
C ASN C 25 4.98 1.42 15.55
N LEU C 26 5.69 1.67 14.44
CA LEU C 26 7.03 1.15 14.27
C LEU C 26 8.01 2.31 14.44
N MET C 27 8.80 2.23 15.51
CA MET C 27 9.58 3.38 15.97
C MET C 27 11.05 3.34 15.53
N THR C 28 11.59 4.53 15.29
CA THR C 28 12.97 4.70 14.85
C THR C 28 13.95 4.63 16.02
C1 FSC D . -4.54 1.26 -10.71
C4 FSC D . -4.21 -0.10 -10.66
C11 FSC D . -4.07 -0.95 -9.39
C18 FSC D . -2.74 -1.71 -9.35
C17 FSC D . -5.18 -1.96 -9.27
O24 FSC D . -4.93 -2.76 -8.16
C31 FSC D . -5.82 -3.84 -7.97
O37 FSC D . -5.90 -4.70 -8.83
C36 FSC D . -6.38 -4.12 -6.57
C10 FSC D . -3.98 -0.67 -12.02
C6 FSC D . -4.67 0.46 -12.91
O13 FSC D . -3.96 0.68 -13.94
C2 FSC D . -4.58 1.77 -11.96
C7 FSC D . -5.87 2.68 -12.20
C5 FSC D . -3.32 2.46 -12.48
C12 FSC D . -2.03 2.79 -11.70
C20 FSC D . -0.74 3.52 -12.45
C27 FSC D . -1.30 4.62 -13.28
O32 FSC D . -0.33 5.58 -13.57
C38 FSC D . -0.78 6.39 -14.65
C26 FSC D . 0.08 3.88 -11.37
C25 FSC D . -0.19 2.74 -10.27
C19 FSC D . -1.76 2.55 -10.40
C15 FSC D . -2.54 3.48 -9.41
C23 FSC D . -3.05 4.74 -10.06
C9 FSC D . -3.63 2.70 -8.69
O16 FSC D . -4.16 3.50 -7.64
C3 FSC D . -4.86 2.23 -9.50
O8 FSC D . -5.81 1.60 -8.57
C14 FSC D . -7.04 2.30 -8.45
O22 FSC D . -7.83 2.05 -9.67
C30 FSC D . -8.00 0.61 -9.92
C33 FSC D . -8.75 -0.03 -8.77
O39 FSC D . -8.82 -1.46 -8.93
C28 FSC D . -8.09 0.29 -7.46
O34 FSC D . -8.96 -0.08 -6.38
C40 FSC D . -8.53 -1.30 -5.76
O43 FSC D . -7.41 -1.39 -5.29
C42 FSC D . -9.55 -2.46 -5.62
C21 FSC D . -7.79 1.73 -7.26
O29 FSC D . -6.94 1.79 -6.09
C35 FSC D . -8.72 0.46 -11.27
O41 FSC D . -9.83 1.35 -11.30
C44 FSC D . -10.87 0.95 -12.20
C47 FSC D . -10.51 1.50 -13.60
C46 FSC D . -12.22 1.59 -11.71
C45 FSC D . -11.07 -0.55 -12.21
C48 FSC D . -11.60 -1.19 -11.11
#